data_7ZF0
#
_entry.id   7ZF0
#
_cell.length_a   76.630
_cell.length_b   91.380
_cell.length_c   92.750
_cell.angle_alpha   90.000
_cell.angle_beta   90.000
_cell.angle_gamma   90.000
#
_symmetry.space_group_name_H-M   'P 21 21 21'
#
loop_
_entity.id
_entity.type
_entity.pdbx_description
1 polymer 'Cyanohydrin beta-glucosyltransferase'
2 non-polymer "URIDINE-5'-DIPHOSPHATE"
3 non-polymer 1,2-ETHANEDIOL
4 non-polymer (2S)-HYDROXY(4-HYDROXYPHENYL)ETHANENITRILE
5 water water
#
_entity_poly.entity_id   1
_entity_poly.type   'polypeptide(L)'
_entity_poly.pdbx_seq_one_letter_code
;MGSNAPPPPTPHVVLVPFPGQGHVAPLMQLARLLHARGARVTFVYTQYNYRRLLRAKGEAAVRPPATSSARFRIEVIDDG
LSLSVPQNDVGGLVDSLRKNCLHPFRALLRRLGQEVEGQDAPPVTCVVGDVVMTFAAAAAREAGIPEVQFFTASACGLLG
YLHYGELVERGLVPFRDASLLADDDYLDTPLEWVPGMSHMRLRDMPTFCRTTDPDDVMVSATLQQMESAAGSKALILNTL
YELEKDVVDALAAFFPPIYTVGPLAEVIASSDSASAGLAAMDISIWQEDTRCLSWLDGKPAGSVVYVNFGSMAVMTAAQA
REFALGLASCGSPFLWVKRPDVVEGEEVLLPEALLDEVARGRGLVVPWCPQAAVLKHAAVGLFVSHCGWNSLLEATAAGQ
PVLAWPCHGEQTTNCRQLCEVWGNGAQLPREVESGAVARLVREMMVGDLGKEKRAKAAEWKAAAEAAARKGGASWRNVER
VVNDLLLVGGKQHHHHHH
;
_entity_poly.pdbx_strand_id   A
#
loop_
_chem_comp.id
_chem_comp.type
_chem_comp.name
_chem_comp.formula
DHR non-polymer (2S)-HYDROXY(4-HYDROXYPHENYL)ETHANENITRILE 'C8 H7 N O2'
EDO non-polymer 1,2-ETHANEDIOL 'C2 H6 O2'
UDP RNA linking URIDINE-5'-DIPHOSPHATE 'C9 H14 N2 O12 P2'
#
# COMPACT_ATOMS: atom_id res chain seq x y z
N PRO A 9 33.60 8.91 -4.44
CA PRO A 9 32.90 7.62 -4.38
C PRO A 9 31.41 7.75 -4.66
N THR A 10 30.82 6.74 -5.29
CA THR A 10 29.39 6.74 -5.59
C THR A 10 28.64 5.94 -4.53
N PRO A 11 27.64 6.51 -3.86
CA PRO A 11 26.83 5.71 -2.94
C PRO A 11 26.15 4.58 -3.70
N HIS A 12 25.89 3.48 -3.01
CA HIS A 12 25.29 2.30 -3.62
C HIS A 12 24.23 1.80 -2.65
N VAL A 13 22.96 1.95 -3.01
CA VAL A 13 21.84 1.59 -2.14
C VAL A 13 21.17 0.36 -2.73
N VAL A 14 20.99 -0.66 -1.90
CA VAL A 14 20.28 -1.89 -2.25
C VAL A 14 18.89 -1.83 -1.62
N LEU A 15 17.85 -1.99 -2.43
CA LEU A 15 16.47 -1.85 -1.96
C LEU A 15 15.71 -3.18 -2.12
N VAL A 16 14.97 -3.55 -1.09
CA VAL A 16 14.31 -4.87 -1.07
C VAL A 16 12.84 -4.75 -0.67
N PRO A 17 11.92 -4.75 -1.64
CA PRO A 17 10.50 -4.70 -1.30
C PRO A 17 9.94 -6.10 -1.07
N PHE A 18 8.83 -6.15 -0.33
CA PHE A 18 7.95 -7.33 -0.35
C PHE A 18 7.30 -7.45 -1.73
N PRO A 19 7.09 -8.67 -2.20
CA PRO A 19 6.45 -8.84 -3.54
C PRO A 19 4.94 -8.61 -3.54
N GLY A 20 4.57 -7.34 -3.43
CA GLY A 20 3.21 -6.88 -3.70
C GLY A 20 3.32 -5.51 -4.32
N GLN A 21 2.37 -5.17 -5.19
CA GLN A 21 2.54 -3.92 -5.93
C GLN A 21 2.51 -2.70 -5.01
N GLY A 22 1.77 -2.76 -3.89
CA GLY A 22 1.75 -1.65 -2.95
C GLY A 22 3.03 -1.48 -2.14
N HIS A 23 3.86 -2.50 -2.14
CA HIS A 23 5.17 -2.48 -1.54
C HIS A 23 6.27 -2.09 -2.52
N VAL A 24 6.23 -2.64 -3.73
CA VAL A 24 7.19 -2.29 -4.75
C VAL A 24 7.08 -0.82 -5.12
N ALA A 25 5.88 -0.32 -5.22
CA ALA A 25 5.68 1.06 -5.71
C ALA A 25 6.46 2.11 -4.92
N PRO A 26 6.32 2.19 -3.59
CA PRO A 26 7.03 3.24 -2.85
C PRO A 26 8.54 3.02 -2.86
N LEU A 27 8.99 1.76 -2.84
CA LEU A 27 10.42 1.54 -2.88
C LEU A 27 11.01 1.85 -4.25
N MET A 28 10.25 1.61 -5.32
CA MET A 28 10.69 1.97 -6.65
C MET A 28 10.71 3.49 -6.83
N GLN A 29 9.71 4.19 -6.26
CA GLN A 29 9.72 5.65 -6.23
C GLN A 29 11.03 6.15 -5.64
N LEU A 30 11.41 5.59 -4.50
CA LEU A 30 12.65 6.00 -3.86
C LEU A 30 13.87 5.61 -4.68
N ALA A 31 13.86 4.40 -5.24
CA ALA A 31 14.99 3.95 -6.04
C ALA A 31 15.23 4.85 -7.24
N ARG A 32 14.16 5.30 -7.90
CA ARG A 32 14.33 6.18 -9.06
C ARG A 32 14.85 7.54 -8.64
N LEU A 33 14.36 8.06 -7.51
CA LEU A 33 14.87 9.33 -6.99
C LEU A 33 16.35 9.24 -6.65
N LEU A 34 16.76 8.14 -6.00
CA LEU A 34 18.17 8.00 -5.65
C LEU A 34 19.03 7.92 -6.92
N HIS A 35 18.54 7.23 -7.94
CA HIS A 35 19.26 7.17 -9.20
C HIS A 35 19.35 8.54 -9.86
N ALA A 36 18.27 9.33 -9.78
CA ALA A 36 18.31 10.69 -10.32
C ALA A 36 19.35 11.54 -9.62
N ARG A 37 19.56 11.33 -8.33
CA ARG A 37 20.52 12.07 -7.54
C ARG A 37 21.95 11.56 -7.72
N GLY A 38 22.17 10.59 -8.61
CA GLY A 38 23.48 10.11 -8.96
C GLY A 38 23.93 8.83 -8.28
N ALA A 39 23.09 8.22 -7.46
CA ALA A 39 23.50 7.01 -6.77
C ALA A 39 23.49 5.81 -7.72
N ARG A 40 24.25 4.80 -7.35
CA ARG A 40 24.06 3.44 -7.87
C ARG A 40 22.97 2.78 -7.02
N VAL A 41 22.03 2.13 -7.71
CA VAL A 41 20.92 1.43 -7.06
C VAL A 41 20.96 -0.02 -7.50
N THR A 42 20.73 -0.93 -6.56
CA THR A 42 20.46 -2.33 -6.88
C THR A 42 19.07 -2.60 -6.32
N PHE A 43 18.11 -2.86 -7.20
CA PHE A 43 16.74 -3.19 -6.81
C PHE A 43 16.59 -4.70 -6.83
N VAL A 44 16.19 -5.28 -5.68
CA VAL A 44 16.18 -6.73 -5.52
C VAL A 44 14.75 -7.23 -5.61
N TYR A 45 14.50 -8.03 -6.63
CA TYR A 45 13.24 -8.74 -6.79
C TYR A 45 13.41 -10.18 -6.32
N THR A 46 12.35 -10.75 -5.78
CA THR A 46 12.24 -12.18 -5.60
C THR A 46 11.92 -12.81 -6.94
N GLN A 47 12.30 -14.08 -7.10
CA GLN A 47 12.04 -14.75 -8.37
C GLN A 47 10.55 -14.90 -8.62
N TYR A 48 9.76 -15.12 -7.58
CA TYR A 48 8.29 -15.07 -7.69
C TYR A 48 7.83 -13.78 -8.37
N ASN A 49 8.24 -12.64 -7.83
CA ASN A 49 7.82 -11.36 -8.38
C ASN A 49 8.39 -11.16 -9.77
N TYR A 50 9.64 -11.53 -9.98
CA TYR A 50 10.28 -11.23 -11.25
C TYR A 50 9.67 -12.06 -12.37
N ARG A 51 9.53 -13.38 -12.14
CA ARG A 51 9.04 -14.25 -13.20
C ARG A 51 7.58 -13.93 -13.52
N ARG A 52 6.77 -13.60 -12.50
CA ARG A 52 5.39 -13.21 -12.77
C ARG A 52 5.33 -11.92 -13.59
N LEU A 53 6.18 -10.95 -13.28
CA LEU A 53 6.22 -9.73 -14.06
C LEU A 53 6.66 -10.01 -15.49
N LEU A 54 7.70 -10.84 -15.66
CA LEU A 54 8.16 -11.15 -17.00
C LEU A 54 7.05 -11.78 -17.85
N ARG A 55 6.36 -12.78 -17.30
CA ARG A 55 5.35 -13.45 -18.10
C ARG A 55 4.17 -12.53 -18.41
N ALA A 56 3.95 -11.48 -17.61
CA ALA A 56 2.83 -10.58 -17.88
C ALA A 56 3.18 -9.44 -18.84
N LYS A 57 4.39 -8.89 -18.75
CA LYS A 57 4.74 -7.65 -19.43
C LYS A 57 6.02 -7.77 -20.25
N GLY A 58 6.74 -8.87 -20.14
CA GLY A 58 7.96 -9.06 -20.91
C GLY A 58 9.17 -8.42 -20.28
N GLU A 59 10.35 -9.01 -20.52
CA GLU A 59 11.56 -8.60 -19.81
C GLU A 59 11.90 -7.14 -20.10
N ALA A 60 11.71 -6.70 -21.35
CA ALA A 60 12.16 -5.36 -21.72
C ALA A 60 11.44 -4.29 -20.90
N ALA A 61 10.14 -4.48 -20.65
CA ALA A 61 9.37 -3.47 -19.93
C ALA A 61 9.64 -3.51 -18.43
N VAL A 62 10.05 -4.66 -17.91
CA VAL A 62 10.28 -4.82 -16.47
C VAL A 62 11.67 -4.33 -16.08
N ARG A 63 12.66 -4.56 -16.94
CA ARG A 63 14.05 -4.18 -16.67
C ARG A 63 14.27 -2.70 -16.94
N PRO A 64 15.41 -2.15 -16.54
CA PRO A 64 15.64 -0.70 -16.70
C PRO A 64 16.00 -0.34 -18.13
N PRO A 65 15.84 0.93 -18.51
CA PRO A 65 16.32 1.36 -19.84
C PRO A 65 17.85 1.32 -19.92
N ALA A 66 18.35 1.47 -21.15
CA ALA A 66 19.80 1.45 -21.36
C ALA A 66 20.46 2.74 -20.89
N THR A 67 19.73 3.86 -20.89
CA THR A 67 20.28 5.10 -20.37
C THR A 67 20.58 4.98 -18.86
N SER A 68 19.67 4.35 -18.13
CA SER A 68 19.83 4.19 -16.68
C SER A 68 20.57 2.90 -16.30
N SER A 69 20.81 2.00 -17.27
CA SER A 69 21.28 0.65 -16.92
C SER A 69 22.61 0.68 -16.18
N ALA A 70 23.45 1.68 -16.44
CA ALA A 70 24.76 1.72 -15.78
C ALA A 70 24.60 1.73 -14.26
N ARG A 71 23.73 2.58 -13.75
CA ARG A 71 23.61 2.79 -12.31
C ARG A 71 22.31 2.24 -11.72
N PHE A 72 21.56 1.43 -12.47
CA PHE A 72 20.31 0.85 -11.96
C PHE A 72 20.34 -0.64 -12.26
N ARG A 73 20.76 -1.42 -11.27
CA ARG A 73 20.92 -2.86 -11.40
C ARG A 73 19.68 -3.54 -10.84
N ILE A 74 19.14 -4.49 -11.58
CA ILE A 74 18.13 -5.40 -11.06
C ILE A 74 18.80 -6.73 -10.74
N GLU A 75 18.59 -7.23 -9.52
CA GLU A 75 19.04 -8.52 -9.10
C GLU A 75 17.84 -9.34 -8.60
N VAL A 76 17.94 -10.66 -8.74
CA VAL A 76 16.83 -11.56 -8.45
C VAL A 76 17.32 -12.62 -7.49
N ILE A 77 16.53 -12.84 -6.41
CA ILE A 77 16.89 -13.84 -5.43
C ILE A 77 15.84 -14.94 -5.35
N ASP A 78 16.29 -16.13 -4.98
CA ASP A 78 15.41 -17.25 -4.73
C ASP A 78 14.48 -17.01 -3.55
N ASP A 79 13.29 -17.63 -3.61
CA ASP A 79 12.33 -17.56 -2.52
C ASP A 79 11.58 -18.87 -2.29
N GLY A 80 11.81 -19.89 -3.12
CA GLY A 80 11.16 -21.18 -2.93
C GLY A 80 9.67 -21.19 -3.21
N LEU A 81 9.14 -20.13 -3.80
CA LEU A 81 7.70 -20.05 -4.07
C LEU A 81 7.32 -20.55 -5.44
N SER A 82 6.19 -21.24 -5.52
CA SER A 82 5.54 -21.46 -6.80
C SER A 82 4.90 -20.16 -7.29
N LEU A 83 4.97 -19.93 -8.60
CA LEU A 83 4.34 -18.75 -9.16
C LEU A 83 2.82 -18.78 -9.02
N SER A 84 2.26 -19.96 -8.67
CA SER A 84 0.83 -20.11 -8.51
C SER A 84 0.30 -19.49 -7.23
N VAL A 85 1.16 -19.20 -6.26
CA VAL A 85 0.70 -18.63 -4.99
C VAL A 85 0.04 -17.29 -5.26
N PRO A 86 -1.22 -17.10 -4.89
CA PRO A 86 -1.91 -15.85 -5.21
C PRO A 86 -1.58 -14.75 -4.21
N GLN A 87 -1.73 -13.51 -4.68
CA GLN A 87 -1.43 -12.35 -3.84
C GLN A 87 -2.28 -12.29 -2.58
N ASN A 88 -3.47 -12.88 -2.60
CA ASN A 88 -4.30 -12.85 -1.39
C ASN A 88 -3.85 -13.87 -0.35
N ASP A 89 -2.93 -14.77 -0.70
CA ASP A 89 -2.41 -15.74 0.28
C ASP A 89 -1.17 -15.12 0.94
N VAL A 90 -1.44 -14.06 1.71
CA VAL A 90 -0.37 -13.27 2.33
C VAL A 90 0.47 -14.13 3.26
N GLY A 91 -0.17 -15.00 4.03
CA GLY A 91 0.59 -15.80 4.98
C GLY A 91 1.55 -16.77 4.30
N GLY A 92 1.11 -17.37 3.18
CA GLY A 92 1.99 -18.26 2.44
C GLY A 92 3.19 -17.53 1.87
N LEU A 93 2.97 -16.34 1.31
CA LEU A 93 4.06 -15.53 0.81
C LEU A 93 5.02 -15.17 1.94
N VAL A 94 4.49 -14.60 3.03
CA VAL A 94 5.33 -14.15 4.14
C VAL A 94 6.14 -15.30 4.70
N ASP A 95 5.52 -16.46 4.86
CA ASP A 95 6.25 -17.54 5.50
C ASP A 95 7.40 -18.04 4.62
N SER A 96 7.15 -18.18 3.31
CA SER A 96 8.22 -18.66 2.43
C SER A 96 9.37 -17.65 2.36
N LEU A 97 9.04 -16.36 2.29
CA LEU A 97 10.09 -15.35 2.14
C LEU A 97 11.01 -15.33 3.36
N ARG A 98 10.44 -15.36 4.58
CA ARG A 98 11.27 -15.28 5.77
C ARG A 98 12.09 -16.56 5.95
N LYS A 99 11.60 -17.68 5.41
CA LYS A 99 12.35 -18.92 5.54
C LYS A 99 13.36 -19.17 4.45
N ASN A 100 13.16 -18.63 3.24
CA ASN A 100 13.96 -19.02 2.08
C ASN A 100 14.87 -17.92 1.54
N CYS A 101 14.62 -16.65 1.86
CA CYS A 101 15.35 -15.60 1.16
C CYS A 101 16.62 -15.12 1.83
N LEU A 102 16.85 -15.43 3.11
CA LEU A 102 18.01 -14.91 3.82
C LEU A 102 19.31 -15.35 3.17
N HIS A 103 19.47 -16.66 2.95
CA HIS A 103 20.76 -17.08 2.41
C HIS A 103 20.99 -16.66 0.98
N PRO A 104 19.96 -16.67 0.13
CA PRO A 104 20.12 -16.06 -1.19
C PRO A 104 20.54 -14.59 -1.13
N PHE A 105 19.97 -13.82 -0.19
CA PHE A 105 20.31 -12.40 -0.08
C PHE A 105 21.71 -12.22 0.46
N ARG A 106 22.09 -13.01 1.46
CA ARG A 106 23.47 -12.96 1.94
C ARG A 106 24.44 -13.19 0.80
N ALA A 107 24.15 -14.17 -0.06
CA ALA A 107 25.01 -14.45 -1.20
C ALA A 107 25.04 -13.29 -2.17
N LEU A 108 23.90 -12.63 -2.39
CA LEU A 108 23.87 -11.46 -3.25
C LEU A 108 24.79 -10.35 -2.70
N LEU A 109 24.71 -10.08 -1.41
CA LEU A 109 25.59 -9.04 -0.84
C LEU A 109 27.06 -9.40 -1.08
N ARG A 110 27.41 -10.68 -0.90
CA ARG A 110 28.79 -11.10 -1.15
C ARG A 110 29.21 -10.84 -2.59
N ARG A 111 28.35 -11.19 -3.54
CA ARG A 111 28.67 -10.98 -4.94
C ARG A 111 28.79 -9.50 -5.27
N LEU A 112 27.94 -8.67 -4.67
CA LEU A 112 28.08 -7.23 -4.90
C LEU A 112 29.42 -6.74 -4.37
N GLY A 113 29.89 -7.32 -3.27
CA GLY A 113 31.20 -6.94 -2.76
C GLY A 113 32.32 -7.40 -3.67
N GLN A 114 32.22 -8.61 -4.21
CA GLN A 114 33.24 -9.09 -5.13
C GLN A 114 33.30 -8.26 -6.40
N GLU A 115 32.17 -7.70 -6.84
CA GLU A 115 32.14 -6.88 -8.04
C GLU A 115 32.89 -5.57 -7.88
N VAL A 116 33.21 -5.18 -6.65
CA VAL A 116 34.03 -3.99 -6.44
C VAL A 116 35.39 -4.18 -7.11
N GLU A 117 36.09 -5.24 -6.71
CA GLU A 117 37.34 -5.60 -7.38
C GLU A 117 37.09 -6.10 -8.80
N GLY A 118 36.09 -6.98 -8.97
CA GLY A 118 35.90 -7.65 -10.25
C GLY A 118 35.48 -6.75 -11.39
N GLN A 119 34.88 -5.60 -11.10
CA GLN A 119 34.45 -4.71 -12.16
C GLN A 119 34.47 -3.25 -11.73
N ASP A 120 35.19 -2.91 -10.66
CA ASP A 120 35.26 -1.53 -10.15
C ASP A 120 33.88 -1.01 -9.73
N ALA A 121 33.01 -1.90 -9.26
CA ALA A 121 31.70 -1.47 -8.82
C ALA A 121 31.80 -0.72 -7.49
N PRO A 122 30.86 0.16 -7.19
CA PRO A 122 30.85 0.82 -5.88
C PRO A 122 30.46 -0.14 -4.78
N PRO A 123 31.19 -0.14 -3.66
CA PRO A 123 30.77 -0.93 -2.50
C PRO A 123 29.34 -0.54 -2.11
N VAL A 124 28.59 -1.50 -1.58
CA VAL A 124 27.28 -1.19 -1.02
C VAL A 124 27.44 -0.32 0.22
N THR A 125 26.68 0.78 0.27
CA THR A 125 26.73 1.70 1.41
C THR A 125 25.46 1.73 2.26
N CYS A 126 24.33 1.25 1.76
CA CYS A 126 23.15 1.18 2.61
C CYS A 126 22.19 0.17 1.99
N VAL A 127 21.44 -0.53 2.85
CA VAL A 127 20.32 -1.36 2.45
C VAL A 127 19.05 -0.70 2.94
N VAL A 128 18.05 -0.57 2.06
CA VAL A 128 16.72 -0.07 2.41
C VAL A 128 15.78 -1.25 2.24
N GLY A 129 15.38 -1.84 3.37
CA GLY A 129 14.51 -3.00 3.32
C GLY A 129 13.09 -2.56 3.66
N ASP A 130 12.13 -3.12 2.92
CA ASP A 130 10.76 -3.13 3.42
C ASP A 130 10.79 -3.76 4.80
N VAL A 131 10.04 -3.17 5.73
CA VAL A 131 9.88 -3.72 7.07
C VAL A 131 9.56 -5.20 7.05
N VAL A 132 8.72 -5.62 6.10
CA VAL A 132 8.35 -7.03 6.01
C VAL A 132 9.58 -7.91 5.78
N MET A 133 10.55 -7.41 5.00
CA MET A 133 11.64 -8.28 4.51
C MET A 133 12.78 -8.27 5.51
N THR A 134 12.50 -8.87 6.69
CA THR A 134 13.44 -8.81 7.81
C THR A 134 14.80 -9.39 7.46
N PHE A 135 14.87 -10.33 6.51
CA PHE A 135 16.17 -10.90 6.15
C PHE A 135 17.13 -9.85 5.59
N ALA A 136 16.60 -8.80 4.98
CA ALA A 136 17.46 -7.76 4.44
C ALA A 136 18.22 -7.01 5.53
N ALA A 137 17.54 -6.68 6.62
CA ALA A 137 18.18 -6.07 7.79
C ALA A 137 19.16 -7.03 8.46
N ALA A 138 18.78 -8.30 8.58
CA ALA A 138 19.67 -9.28 9.19
C ALA A 138 20.97 -9.41 8.42
N ALA A 139 20.89 -9.50 7.09
CA ALA A 139 22.06 -9.66 6.24
C ALA A 139 22.90 -8.40 6.24
N ALA A 140 22.25 -7.23 6.18
CA ALA A 140 23.03 -5.99 6.24
C ALA A 140 23.81 -5.89 7.55
N ARG A 141 23.17 -6.22 8.67
CA ARG A 141 23.86 -6.10 9.95
C ARG A 141 25.04 -7.07 10.03
N GLU A 142 24.84 -8.31 9.59
CA GLU A 142 25.96 -9.27 9.57
C GLU A 142 27.14 -8.73 8.79
N ALA A 143 26.87 -8.07 7.68
CA ALA A 143 27.91 -7.57 6.78
C ALA A 143 28.42 -6.20 7.19
N GLY A 144 27.88 -5.63 8.26
CA GLY A 144 28.32 -4.31 8.72
C GLY A 144 27.91 -3.19 7.80
N ILE A 145 26.80 -3.34 7.09
CA ILE A 145 26.30 -2.34 6.16
C ILE A 145 25.13 -1.66 6.84
N PRO A 146 25.06 -0.32 6.86
CA PRO A 146 23.90 0.36 7.46
C PRO A 146 22.62 -0.08 6.76
N GLU A 147 21.54 -0.15 7.52
CA GLU A 147 20.24 -0.43 6.93
C GLU A 147 19.19 0.48 7.57
N VAL A 148 18.27 0.92 6.71
CA VAL A 148 17.15 1.76 7.04
C VAL A 148 15.93 1.01 6.53
N GLN A 149 14.84 1.10 7.26
CA GLN A 149 13.66 0.35 6.86
C GLN A 149 12.55 1.28 6.38
N PHE A 150 11.77 0.76 5.45
CA PHE A 150 10.66 1.50 4.81
C PHE A 150 9.40 0.70 5.12
N PHE A 151 8.53 1.26 5.94
CA PHE A 151 7.19 0.70 6.18
C PHE A 151 6.30 1.29 5.09
N THR A 152 5.60 0.43 4.31
CA THR A 152 4.96 0.88 3.08
C THR A 152 3.48 1.23 3.28
N ALA A 153 2.93 1.02 4.47
CA ALA A 153 1.53 1.38 4.70
C ALA A 153 1.41 2.57 5.64
N SER A 154 0.26 2.70 6.29
CA SER A 154 0.00 3.89 7.07
C SER A 154 0.67 3.86 8.42
N ALA A 155 0.83 5.05 9.02
CA ALA A 155 1.33 5.08 10.37
C ALA A 155 0.37 4.39 11.30
N CYS A 156 -0.93 4.63 11.14
CA CYS A 156 -1.90 4.01 12.04
C CYS A 156 -1.85 2.50 11.91
N GLY A 157 -1.61 2.03 10.69
CA GLY A 157 -1.43 0.59 10.45
C GLY A 157 -0.23 0.05 11.21
N LEU A 158 0.88 0.77 11.13
CA LEU A 158 2.07 0.36 11.89
C LEU A 158 1.78 0.35 13.39
N LEU A 159 1.08 1.35 13.89
CA LEU A 159 0.75 1.39 15.32
C LEU A 159 -0.08 0.15 15.71
N GLY A 160 -0.97 -0.29 14.85
CA GLY A 160 -1.73 -1.49 15.16
C GLY A 160 -0.87 -2.74 15.18
N TYR A 161 -0.02 -2.90 14.18
CA TYR A 161 0.93 -4.02 14.16
C TYR A 161 1.83 -4.01 15.37
N LEU A 162 2.34 -2.81 15.73
CA LEU A 162 3.21 -2.71 16.89
C LEU A 162 2.55 -3.24 18.15
N HIS A 163 1.21 -3.22 18.21
CA HIS A 163 0.49 -3.64 19.40
C HIS A 163 -0.07 -5.05 19.32
N TYR A 164 0.34 -5.82 18.33
CA TYR A 164 0.07 -7.26 18.33
C TYR A 164 0.63 -7.92 19.57
N GLY A 165 1.85 -7.55 19.96
CA GLY A 165 2.39 -8.12 21.18
C GLY A 165 1.51 -7.90 22.40
N GLU A 166 0.95 -6.69 22.53
CA GLU A 166 0.08 -6.39 23.65
C GLU A 166 -1.22 -7.20 23.58
N LEU A 167 -1.74 -7.42 22.38
CA LEU A 167 -2.88 -8.32 22.25
C LEU A 167 -2.55 -9.70 22.79
N VAL A 168 -1.38 -10.22 22.46
CA VAL A 168 -0.97 -11.53 22.97
C VAL A 168 -0.86 -11.49 24.48
N GLU A 169 -0.25 -10.43 25.02
CA GLU A 169 -0.12 -10.32 26.47
C GLU A 169 -1.47 -10.30 27.17
N ARG A 170 -2.47 -9.69 26.56
CA ARG A 170 -3.79 -9.58 27.14
C ARG A 170 -4.68 -10.78 26.81
N GLY A 171 -4.12 -11.81 26.19
CA GLY A 171 -4.87 -13.03 25.92
C GLY A 171 -5.87 -12.89 24.80
N LEU A 172 -5.78 -11.83 24.02
CA LEU A 172 -6.73 -11.61 22.94
C LEU A 172 -6.30 -12.25 21.63
N VAL A 173 -5.02 -12.57 21.49
CA VAL A 173 -4.46 -13.29 20.36
C VAL A 173 -3.61 -14.41 20.94
N PRO A 174 -3.78 -15.66 20.49
CA PRO A 174 -4.84 -16.05 19.53
C PRO A 174 -6.22 -15.97 20.20
N PHE A 175 -7.26 -15.99 19.37
CA PHE A 175 -8.63 -16.02 19.88
C PHE A 175 -8.85 -17.39 20.52
N ARG A 176 -9.23 -17.39 21.79
CA ARG A 176 -9.52 -18.64 22.47
C ARG A 176 -10.86 -19.23 22.08
N ASP A 177 -11.75 -18.43 21.50
CA ASP A 177 -13.11 -18.85 21.12
C ASP A 177 -13.24 -18.57 19.63
N ALA A 178 -13.25 -19.64 18.82
CA ALA A 178 -13.37 -19.43 17.38
C ALA A 178 -14.66 -18.74 16.98
N SER A 179 -15.75 -18.92 17.75
CA SER A 179 -16.98 -18.22 17.45
C SER A 179 -16.88 -16.71 17.57
N LEU A 180 -15.83 -16.19 18.20
CA LEU A 180 -15.66 -14.75 18.33
C LEU A 180 -14.91 -14.12 17.16
N LEU A 181 -14.34 -14.93 16.28
CA LEU A 181 -13.55 -14.39 15.17
C LEU A 181 -14.36 -13.42 14.30
N ALA A 182 -15.67 -13.68 14.13
CA ALA A 182 -16.51 -12.82 13.32
C ALA A 182 -17.75 -12.36 14.09
N ASP A 183 -17.64 -12.30 15.41
CA ASP A 183 -18.71 -11.78 16.26
C ASP A 183 -18.60 -10.26 16.28
N ASP A 184 -19.59 -9.59 15.72
CA ASP A 184 -19.47 -8.15 15.49
C ASP A 184 -19.48 -7.37 16.80
N ASP A 185 -20.20 -7.85 17.82
CA ASP A 185 -20.16 -7.19 19.11
C ASP A 185 -18.79 -7.32 19.75
N TYR A 186 -18.22 -8.51 19.72
CA TYR A 186 -16.89 -8.69 20.29
C TYR A 186 -15.85 -7.85 19.55
N LEU A 187 -15.93 -7.85 18.23
CA LEU A 187 -14.96 -7.10 17.43
C LEU A 187 -15.12 -5.60 17.63
N ASP A 188 -16.31 -5.14 18.04
CA ASP A 188 -16.48 -3.73 18.38
C ASP A 188 -15.81 -3.32 19.70
N THR A 189 -15.25 -4.24 20.46
CA THR A 189 -14.78 -3.92 21.80
C THR A 189 -13.70 -2.86 21.74
N PRO A 190 -13.83 -1.76 22.47
CA PRO A 190 -12.73 -0.78 22.51
C PRO A 190 -11.45 -1.33 23.12
N LEU A 191 -10.32 -0.92 22.52
CA LEU A 191 -9.00 -1.15 23.09
C LEU A 191 -8.48 0.24 23.48
N GLU A 192 -8.72 0.62 24.73
CA GLU A 192 -8.48 1.98 25.18
C GLU A 192 -7.00 2.25 25.46
N TRP A 193 -6.14 1.24 25.38
CA TRP A 193 -4.76 1.35 25.77
C TRP A 193 -3.78 1.64 24.64
N VAL A 194 -4.25 1.85 23.42
CA VAL A 194 -3.33 2.10 22.32
C VAL A 194 -2.94 3.57 22.31
N PRO A 195 -1.67 3.91 22.53
CA PRO A 195 -1.28 5.32 22.49
C PRO A 195 -1.43 5.90 21.09
N GLY A 196 -2.00 7.12 21.02
CA GLY A 196 -2.17 7.78 19.75
C GLY A 196 -3.45 7.45 19.02
N MET A 197 -4.19 6.43 19.45
CA MET A 197 -5.41 6.01 18.80
C MET A 197 -6.35 5.46 19.90
N SER A 198 -6.82 6.39 20.75
CA SER A 198 -7.65 6.06 21.90
C SER A 198 -8.96 5.37 21.51
N HIS A 199 -9.41 5.58 20.27
CA HIS A 199 -10.63 5.06 19.72
C HIS A 199 -10.47 3.74 18.96
N MET A 200 -9.30 3.10 19.05
CA MET A 200 -9.12 1.77 18.49
C MET A 200 -10.12 0.79 19.10
N ARG A 201 -10.78 0.02 18.25
CA ARG A 201 -11.53 -1.17 18.64
C ARG A 201 -10.78 -2.40 18.12
N LEU A 202 -11.16 -3.59 18.64
CA LEU A 202 -10.48 -4.79 18.21
C LEU A 202 -10.55 -4.96 16.69
N ARG A 203 -11.72 -4.64 16.07
CA ARG A 203 -11.84 -4.77 14.62
C ARG A 203 -10.94 -3.79 13.85
N ASP A 204 -10.52 -2.70 14.48
CA ASP A 204 -9.72 -1.69 13.80
C ASP A 204 -8.24 -2.08 13.78
N MET A 205 -7.86 -3.05 14.55
CA MET A 205 -6.50 -3.58 14.43
C MET A 205 -6.36 -4.28 13.07
N PRO A 206 -5.14 -4.29 12.49
CA PRO A 206 -4.95 -5.00 11.21
C PRO A 206 -5.46 -6.43 11.37
N THR A 207 -6.13 -6.91 10.34
CA THR A 207 -7.04 -8.05 10.49
C THR A 207 -6.33 -9.37 10.79
N PHE A 208 -5.02 -9.46 10.60
CA PHE A 208 -4.34 -10.74 10.79
C PHE A 208 -4.35 -11.21 12.24
N CYS A 209 -4.71 -10.34 13.19
CA CYS A 209 -4.85 -10.77 14.57
C CYS A 209 -6.02 -11.71 14.79
N ARG A 210 -6.95 -11.75 13.84
CA ARG A 210 -8.17 -12.56 13.98
C ARG A 210 -7.82 -14.00 13.59
N THR A 211 -7.17 -14.67 14.54
CA THR A 211 -6.74 -16.04 14.34
C THR A 211 -6.84 -16.82 15.64
N THR A 212 -7.20 -18.12 15.53
CA THR A 212 -7.13 -19.02 16.67
C THR A 212 -5.82 -19.79 16.74
N ASP A 213 -4.92 -19.61 15.77
CA ASP A 213 -3.72 -20.44 15.65
C ASP A 213 -2.60 -19.83 16.47
N PRO A 214 -2.11 -20.51 17.51
CA PRO A 214 -1.03 -19.94 18.32
C PRO A 214 0.30 -19.85 17.57
N ASP A 215 0.44 -20.55 16.43
CA ASP A 215 1.62 -20.45 15.58
C ASP A 215 1.32 -19.71 14.28
N ASP A 216 0.30 -18.84 14.29
CA ASP A 216 -0.10 -18.17 13.08
C ASP A 216 1.08 -17.45 12.48
N VAL A 217 1.23 -17.58 11.15
CA VAL A 217 2.37 -17.00 10.44
C VAL A 217 2.35 -15.48 10.54
N MET A 218 1.20 -14.87 10.27
CA MET A 218 1.17 -13.41 10.17
C MET A 218 1.41 -12.77 11.52
N VAL A 219 0.92 -13.35 12.63
CA VAL A 219 1.20 -12.79 13.95
C VAL A 219 2.69 -12.93 14.27
N SER A 220 3.24 -14.12 14.04
CA SER A 220 4.64 -14.41 14.25
C SER A 220 5.52 -13.45 13.47
N ALA A 221 5.23 -13.30 12.19
CA ALA A 221 6.05 -12.46 11.32
C ALA A 221 5.92 -11.01 11.74
N THR A 222 4.72 -10.58 12.14
CA THR A 222 4.54 -9.21 12.61
C THR A 222 5.46 -8.90 13.78
N LEU A 223 5.49 -9.78 14.77
CA LEU A 223 6.37 -9.59 15.91
C LEU A 223 7.84 -9.52 15.49
N GLN A 224 8.25 -10.39 14.56
CA GLN A 224 9.61 -10.35 14.06
C GLN A 224 9.90 -9.02 13.38
N GLN A 225 8.93 -8.52 12.60
CA GLN A 225 9.11 -7.29 11.86
C GLN A 225 9.25 -6.10 12.80
N MET A 226 8.44 -6.06 13.87
CA MET A 226 8.52 -4.92 14.77
C MET A 226 9.85 -4.90 15.50
N GLU A 227 10.30 -6.06 15.94
CA GLU A 227 11.61 -6.15 16.58
C GLU A 227 12.73 -5.76 15.63
N SER A 228 12.66 -6.20 14.37
CA SER A 228 13.65 -5.81 13.37
C SER A 228 13.67 -4.30 13.16
N ALA A 229 12.49 -3.70 12.94
CA ALA A 229 12.45 -2.28 12.62
C ALA A 229 12.93 -1.44 13.79
N ALA A 230 12.68 -1.90 15.01
CA ALA A 230 13.12 -1.14 16.19
C ALA A 230 14.64 -1.01 16.21
N GLY A 231 15.35 -1.95 15.62
CA GLY A 231 16.81 -1.97 15.60
C GLY A 231 17.49 -1.31 14.42
N SER A 232 16.70 -0.72 13.52
CA SER A 232 17.19 -0.15 12.29
C SER A 232 17.79 1.22 12.55
N LYS A 233 18.47 1.76 11.53
CA LYS A 233 19.04 3.10 11.72
C LYS A 233 17.98 4.20 11.68
N ALA A 234 16.91 3.97 10.92
CA ALA A 234 15.83 4.95 10.74
C ALA A 234 14.64 4.20 10.17
N LEU A 235 13.47 4.84 10.21
CA LEU A 235 12.23 4.32 9.66
C LEU A 235 11.64 5.36 8.72
N ILE A 236 11.40 4.96 7.48
CA ILE A 236 10.74 5.79 6.48
C ILE A 236 9.27 5.42 6.47
N LEU A 237 8.40 6.43 6.53
CA LEU A 237 6.94 6.24 6.46
C LEU A 237 6.41 7.16 5.37
N ASN A 238 5.69 6.59 4.41
CA ASN A 238 5.13 7.33 3.29
C ASN A 238 3.76 7.88 3.71
N THR A 239 3.80 8.78 4.68
CA THR A 239 2.60 9.44 5.17
C THR A 239 2.84 10.92 5.40
N LEU A 240 1.74 11.64 5.57
CA LEU A 240 1.79 13.07 5.86
C LEU A 240 1.76 13.22 7.37
N TYR A 241 2.80 13.84 7.93
CA TYR A 241 2.84 13.99 9.39
C TYR A 241 1.56 14.67 9.91
N GLU A 242 1.07 15.71 9.21
CA GLU A 242 -0.09 16.44 9.72
C GLU A 242 -1.35 15.57 9.76
N LEU A 243 -1.45 14.64 8.83
CA LEU A 243 -2.59 13.71 8.79
C LEU A 243 -2.54 12.76 9.97
N GLU A 244 -1.35 12.24 10.28
CA GLU A 244 -1.24 11.16 11.26
C GLU A 244 -0.45 11.59 12.49
N LYS A 245 -0.54 12.87 12.87
CA LYS A 245 0.38 13.41 13.87
C LYS A 245 0.29 12.65 15.20
N ASP A 246 -0.91 12.40 15.71
CA ASP A 246 -1.02 11.75 17.02
C ASP A 246 -0.42 10.34 16.98
N VAL A 247 -0.67 9.62 15.90
CA VAL A 247 -0.11 8.27 15.73
C VAL A 247 1.40 8.31 15.65
N VAL A 248 1.94 9.19 14.79
CA VAL A 248 3.39 9.26 14.63
C VAL A 248 4.06 9.64 15.95
N ASP A 249 3.48 10.59 16.68
CA ASP A 249 4.09 10.96 17.96
C ASP A 249 4.10 9.77 18.92
N ALA A 250 3.10 8.89 18.86
CA ALA A 250 3.11 7.68 19.69
C ALA A 250 4.12 6.67 19.18
N LEU A 251 4.30 6.55 17.86
CA LEU A 251 5.26 5.60 17.33
C LEU A 251 6.69 5.99 17.65
N ALA A 252 6.95 7.28 17.83
CA ALA A 252 8.32 7.77 18.04
C ALA A 252 9.04 7.07 19.18
N ALA A 253 8.33 6.70 20.23
CA ALA A 253 8.95 6.06 21.38
C ALA A 253 9.44 4.64 21.13
N PHE A 254 9.00 4.00 20.04
CA PHE A 254 9.28 2.59 19.81
C PHE A 254 10.19 2.29 18.64
N PHE A 255 10.61 3.28 17.88
CA PHE A 255 11.36 3.09 16.64
C PHE A 255 12.53 4.05 16.62
N PRO A 256 13.51 3.78 15.77
CA PRO A 256 14.56 4.79 15.48
C PRO A 256 13.92 6.03 14.88
N PRO A 257 14.70 7.07 14.62
CA PRO A 257 14.11 8.29 14.03
C PRO A 257 13.23 7.99 12.82
N ILE A 258 12.09 8.66 12.78
CA ILE A 258 11.06 8.42 11.77
C ILE A 258 11.04 9.59 10.82
N TYR A 259 11.04 9.31 9.54
CA TYR A 259 10.99 10.29 8.48
C TYR A 259 9.67 10.08 7.77
N THR A 260 8.77 11.07 7.88
CA THR A 260 7.51 11.07 7.16
C THR A 260 7.70 11.79 5.81
N VAL A 261 7.53 11.07 4.71
CA VAL A 261 7.90 11.52 3.37
C VAL A 261 6.70 11.65 2.44
N GLY A 262 5.48 11.52 2.95
CA GLY A 262 4.36 11.29 2.06
C GLY A 262 3.63 12.56 1.62
N PRO A 263 3.02 12.51 0.43
CA PRO A 263 3.05 11.39 -0.54
C PRO A 263 4.38 11.42 -1.31
N LEU A 264 5.22 10.36 -1.20
CA LEU A 264 6.55 10.42 -1.81
C LEU A 264 6.46 10.74 -3.29
N ALA A 265 5.51 10.14 -3.99
CA ALA A 265 5.41 10.36 -5.43
C ALA A 265 5.14 11.82 -5.75
N GLU A 266 4.42 12.53 -4.88
CA GLU A 266 4.13 13.94 -5.11
C GLU A 266 5.31 14.82 -4.73
N VAL A 267 6.07 14.44 -3.70
CA VAL A 267 7.33 15.14 -3.43
C VAL A 267 8.23 15.08 -4.65
N ILE A 268 8.33 13.90 -5.27
CA ILE A 268 9.19 13.74 -6.44
C ILE A 268 8.67 14.56 -7.60
N ALA A 269 7.35 14.51 -7.85
CA ALA A 269 6.79 15.28 -8.95
C ALA A 269 7.10 16.77 -8.82
N SER A 270 7.03 17.31 -7.59
CA SER A 270 7.39 18.71 -7.39
C SER A 270 8.83 18.96 -7.83
N SER A 271 9.72 18.01 -7.58
CA SER A 271 11.13 18.12 -7.92
C SER A 271 11.74 19.33 -7.22
N ALA A 280 9.84 4.15 -16.63
CA ALA A 280 10.64 3.35 -17.55
C ALA A 280 10.73 1.89 -17.11
N MET A 281 9.96 1.52 -16.09
CA MET A 281 9.97 0.15 -15.57
C MET A 281 8.57 -0.22 -15.09
N ASP A 282 8.02 -1.29 -15.65
CA ASP A 282 6.68 -1.74 -15.27
C ASP A 282 6.75 -2.63 -14.03
N ILE A 283 5.98 -2.27 -13.01
CA ILE A 283 5.98 -3.00 -11.76
C ILE A 283 4.67 -3.75 -11.52
N SER A 284 3.78 -3.77 -12.52
CA SER A 284 2.47 -4.38 -12.35
C SER A 284 2.27 -5.57 -13.30
N ILE A 285 1.51 -6.56 -12.83
CA ILE A 285 1.13 -7.66 -13.72
C ILE A 285 -0.08 -7.34 -14.57
N TRP A 286 -0.73 -6.20 -14.35
CA TRP A 286 -1.92 -5.82 -15.08
C TRP A 286 -1.65 -4.63 -15.99
N GLN A 287 -2.38 -4.58 -17.12
CA GLN A 287 -2.22 -3.52 -18.10
C GLN A 287 -3.23 -2.41 -17.78
N GLU A 288 -2.73 -1.20 -17.55
CA GLU A 288 -3.62 -0.07 -17.26
C GLU A 288 -4.45 0.23 -18.50
N ASP A 289 -5.77 0.32 -18.32
CA ASP A 289 -6.68 0.58 -19.44
C ASP A 289 -6.58 2.04 -19.83
N THR A 290 -6.30 2.29 -21.13
CA THR A 290 -6.09 3.64 -21.62
C THR A 290 -7.39 4.35 -21.98
N ARG A 291 -8.50 3.63 -22.09
CA ARG A 291 -9.77 4.26 -22.45
C ARG A 291 -10.37 5.06 -21.30
N CYS A 292 -10.02 4.71 -20.06
CA CYS A 292 -10.57 5.34 -18.86
C CYS A 292 -10.63 6.86 -18.97
N LEU A 293 -9.46 7.49 -19.12
CA LEU A 293 -9.40 8.94 -19.04
C LEU A 293 -10.19 9.61 -20.17
N SER A 294 -10.20 9.00 -21.35
CA SER A 294 -10.98 9.53 -22.46
C SER A 294 -12.49 9.45 -22.17
N TRP A 295 -12.94 8.34 -21.59
CA TRP A 295 -14.34 8.22 -21.18
C TRP A 295 -14.69 9.24 -20.12
N LEU A 296 -13.80 9.43 -19.13
CA LEU A 296 -14.07 10.41 -18.10
C LEU A 296 -14.14 11.82 -18.67
N ASP A 297 -13.39 12.09 -19.73
CA ASP A 297 -13.43 13.42 -20.34
C ASP A 297 -14.84 13.78 -20.79
N GLY A 298 -15.63 12.77 -21.15
CA GLY A 298 -16.99 13.00 -21.61
C GLY A 298 -18.01 13.18 -20.53
N LYS A 299 -17.63 13.15 -19.26
CA LYS A 299 -18.58 13.23 -18.17
C LYS A 299 -18.45 14.55 -17.43
N PRO A 300 -19.55 15.05 -16.86
CA PRO A 300 -19.48 16.35 -16.16
C PRO A 300 -18.58 16.30 -14.94
N ALA A 301 -18.13 17.49 -14.54
CA ALA A 301 -17.25 17.60 -13.39
C ALA A 301 -17.92 17.05 -12.13
N GLY A 302 -17.16 16.23 -11.41
CA GLY A 302 -17.58 15.69 -10.14
C GLY A 302 -18.67 14.65 -10.20
N SER A 303 -18.99 14.15 -11.38
CA SER A 303 -20.18 13.33 -11.56
C SER A 303 -19.95 11.84 -11.39
N VAL A 304 -18.69 11.37 -11.48
CA VAL A 304 -18.41 9.94 -11.60
C VAL A 304 -17.99 9.34 -10.26
N VAL A 305 -18.53 8.16 -9.96
CA VAL A 305 -18.12 7.35 -8.83
C VAL A 305 -17.07 6.37 -9.36
N TYR A 306 -15.85 6.45 -8.82
CA TYR A 306 -14.72 5.59 -9.20
C TYR A 306 -14.56 4.53 -8.11
N VAL A 307 -14.51 3.26 -8.53
CA VAL A 307 -14.49 2.11 -7.62
C VAL A 307 -13.24 1.27 -7.89
N ASN A 308 -12.47 0.98 -6.84
CA ASN A 308 -11.29 0.14 -7.05
C ASN A 308 -10.86 -0.47 -5.74
N PHE A 309 -10.32 -1.70 -5.78
CA PHE A 309 -9.97 -2.45 -4.58
C PHE A 309 -8.52 -2.88 -4.56
N GLY A 310 -7.65 -2.22 -5.30
CA GLY A 310 -6.22 -2.51 -5.19
C GLY A 310 -5.81 -3.82 -5.86
N SER A 311 -4.62 -4.28 -5.46
CA SER A 311 -3.93 -5.34 -6.19
C SER A 311 -3.91 -6.70 -5.51
N MET A 312 -4.38 -6.82 -4.27
CA MET A 312 -4.30 -8.10 -3.57
C MET A 312 -5.65 -8.66 -3.16
N ALA A 313 -6.61 -7.79 -2.82
CA ALA A 313 -7.84 -8.24 -2.19
C ALA A 313 -8.73 -8.97 -3.19
N VAL A 314 -9.56 -9.89 -2.67
CA VAL A 314 -10.58 -10.56 -3.46
C VAL A 314 -11.88 -10.48 -2.67
N MET A 315 -13.00 -10.63 -3.38
CA MET A 315 -14.31 -10.65 -2.74
C MET A 315 -15.13 -11.81 -3.31
N THR A 316 -16.30 -12.04 -2.72
CA THR A 316 -17.13 -13.15 -3.16
C THR A 316 -17.95 -12.75 -4.38
N ALA A 317 -18.43 -13.76 -5.12
CA ALA A 317 -19.26 -13.48 -6.28
C ALA A 317 -20.56 -12.80 -5.87
N ALA A 318 -21.07 -13.11 -4.68
CA ALA A 318 -22.27 -12.43 -4.18
C ALA A 318 -21.98 -10.98 -3.86
N GLN A 319 -20.86 -10.71 -3.17
CA GLN A 319 -20.50 -9.32 -2.91
C GLN A 319 -20.33 -8.56 -4.21
N ALA A 320 -19.69 -9.18 -5.22
CA ALA A 320 -19.52 -8.50 -6.48
C ALA A 320 -20.86 -8.16 -7.12
N ARG A 321 -21.86 -9.03 -6.97
CA ARG A 321 -23.15 -8.76 -7.60
C ARG A 321 -23.89 -7.63 -6.90
N GLU A 322 -23.80 -7.56 -5.58
CA GLU A 322 -24.44 -6.47 -4.85
C GLU A 322 -23.75 -5.14 -5.13
N PHE A 323 -22.41 -5.13 -5.25
CA PHE A 323 -21.77 -3.89 -5.68
C PHE A 323 -22.26 -3.49 -7.07
N ALA A 324 -22.45 -4.47 -7.96
CA ALA A 324 -22.88 -4.15 -9.31
C ALA A 324 -24.29 -3.56 -9.31
N LEU A 325 -25.20 -4.18 -8.56
CA LEU A 325 -26.55 -3.68 -8.49
C LEU A 325 -26.63 -2.35 -7.76
N GLY A 326 -25.77 -2.15 -6.77
CA GLY A 326 -25.76 -0.88 -6.09
C GLY A 326 -25.27 0.24 -6.99
N LEU A 327 -24.22 -0.02 -7.75
CA LEU A 327 -23.73 0.97 -8.69
C LEU A 327 -24.80 1.30 -9.72
N ALA A 328 -25.52 0.28 -10.20
CA ALA A 328 -26.53 0.50 -11.22
C ALA A 328 -27.70 1.33 -10.70
N SER A 329 -27.93 1.34 -9.40
CA SER A 329 -29.07 2.05 -8.85
C SER A 329 -28.69 3.30 -8.06
N CYS A 330 -27.43 3.76 -8.14
CA CYS A 330 -26.98 4.81 -7.22
C CYS A 330 -27.22 6.22 -7.73
N GLY A 331 -27.67 6.41 -8.98
CA GLY A 331 -27.93 7.73 -9.46
C GLY A 331 -26.79 8.43 -10.14
N SER A 332 -25.59 7.82 -10.21
CA SER A 332 -24.43 8.44 -10.81
C SER A 332 -23.76 7.55 -11.85
N PRO A 333 -23.16 8.15 -12.88
CA PRO A 333 -22.24 7.36 -13.72
C PRO A 333 -21.11 6.81 -12.85
N PHE A 334 -20.47 5.75 -13.34
CA PHE A 334 -19.46 5.05 -12.54
C PHE A 334 -18.37 4.49 -13.45
N LEU A 335 -17.14 4.47 -12.91
CA LEU A 335 -15.98 3.80 -13.51
C LEU A 335 -15.58 2.76 -12.50
N TRP A 336 -15.78 1.49 -12.82
CA TRP A 336 -15.46 0.39 -11.90
C TRP A 336 -14.26 -0.37 -12.46
N VAL A 337 -13.15 -0.32 -11.72
CA VAL A 337 -12.01 -1.18 -12.01
C VAL A 337 -12.27 -2.50 -11.29
N LYS A 338 -12.54 -3.53 -12.06
CA LYS A 338 -12.89 -4.85 -11.54
C LYS A 338 -11.72 -5.73 -11.95
N ARG A 339 -10.73 -5.85 -11.06
CA ARG A 339 -9.50 -6.57 -11.38
C ARG A 339 -9.85 -7.97 -11.88
N PRO A 340 -9.15 -8.48 -12.90
CA PRO A 340 -9.59 -9.75 -13.52
C PRO A 340 -9.74 -10.92 -12.56
N ASP A 341 -9.01 -10.94 -11.46
CA ASP A 341 -9.10 -12.03 -10.50
C ASP A 341 -9.64 -11.57 -9.15
N VAL A 342 -10.40 -10.46 -9.13
CA VAL A 342 -10.88 -9.91 -7.87
C VAL A 342 -11.99 -10.76 -7.29
N VAL A 343 -12.76 -11.45 -8.12
CA VAL A 343 -13.89 -12.22 -7.62
C VAL A 343 -13.45 -13.67 -7.39
N GLU A 344 -13.78 -14.20 -6.22
CA GLU A 344 -13.45 -15.57 -5.88
C GLU A 344 -14.33 -16.51 -6.71
N GLY A 345 -13.71 -17.53 -7.29
CA GLY A 345 -14.44 -18.55 -8.01
C GLY A 345 -14.66 -18.25 -9.47
N GLU A 346 -15.53 -19.07 -10.08
CA GLU A 346 -15.77 -19.01 -11.51
C GLU A 346 -16.41 -17.68 -11.90
N GLU A 347 -16.21 -17.31 -13.17
CA GLU A 347 -16.72 -16.04 -13.68
C GLU A 347 -18.24 -16.04 -13.72
N VAL A 348 -18.84 -14.97 -13.21
CA VAL A 348 -20.28 -14.77 -13.20
C VAL A 348 -20.58 -13.48 -13.96
N LEU A 349 -21.64 -13.51 -14.77
CA LEU A 349 -21.98 -12.34 -15.57
C LEU A 349 -22.48 -11.20 -14.67
N LEU A 350 -22.24 -9.97 -15.10
CA LEU A 350 -22.72 -8.80 -14.39
C LEU A 350 -24.21 -8.61 -14.63
N PRO A 351 -24.91 -7.94 -13.71
CA PRO A 351 -26.36 -7.79 -13.85
C PRO A 351 -26.74 -7.00 -15.09
N GLU A 352 -27.92 -7.31 -15.63
CA GLU A 352 -28.39 -6.64 -16.85
C GLU A 352 -28.49 -5.13 -16.63
N ALA A 353 -28.96 -4.70 -15.47
CA ALA A 353 -29.10 -3.27 -15.22
C ALA A 353 -27.76 -2.56 -15.39
N LEU A 354 -26.68 -3.13 -14.83
CA LEU A 354 -25.36 -2.55 -15.00
C LEU A 354 -24.87 -2.67 -16.44
N LEU A 355 -25.10 -3.83 -17.07
CA LEU A 355 -24.64 -4.01 -18.43
C LEU A 355 -25.34 -3.06 -19.38
N ASP A 356 -26.61 -2.74 -19.11
CA ASP A 356 -27.32 -1.77 -19.93
C ASP A 356 -26.79 -0.36 -19.72
N GLU A 357 -26.44 -0.01 -18.48
CA GLU A 357 -25.84 1.31 -18.26
C GLU A 357 -24.51 1.43 -18.99
N VAL A 358 -23.73 0.36 -19.01
CA VAL A 358 -22.47 0.37 -19.78
C VAL A 358 -22.77 0.56 -21.27
N ALA A 359 -23.78 -0.16 -21.76
CA ALA A 359 -24.18 0.00 -23.16
C ALA A 359 -24.63 1.43 -23.46
N ARG A 360 -25.33 2.07 -22.52
CA ARG A 360 -25.74 3.44 -22.75
C ARG A 360 -24.59 4.44 -22.61
N GLY A 361 -23.43 4.00 -22.14
CA GLY A 361 -22.34 4.91 -21.87
C GLY A 361 -22.34 5.54 -20.50
N ARG A 362 -23.26 5.12 -19.62
CA ARG A 362 -23.37 5.71 -18.30
C ARG A 362 -22.38 5.11 -17.31
N GLY A 363 -21.96 3.88 -17.54
CA GLY A 363 -20.93 3.25 -16.72
C GLY A 363 -19.86 2.63 -17.57
N LEU A 364 -18.71 2.33 -16.93
CA LEU A 364 -17.60 1.71 -17.63
C LEU A 364 -16.90 0.77 -16.65
N VAL A 365 -16.66 -0.46 -17.08
CA VAL A 365 -15.95 -1.45 -16.27
C VAL A 365 -14.66 -1.83 -17.01
N VAL A 366 -13.53 -1.71 -16.32
CA VAL A 366 -12.21 -1.97 -16.91
C VAL A 366 -11.43 -2.85 -15.95
N PRO A 367 -10.38 -3.53 -16.43
CA PRO A 367 -9.64 -4.42 -15.54
C PRO A 367 -8.63 -3.73 -14.64
N TRP A 368 -8.09 -2.59 -15.06
CA TRP A 368 -7.01 -1.88 -14.40
C TRP A 368 -6.96 -0.49 -14.98
N CYS A 369 -6.48 0.47 -14.20
CA CYS A 369 -6.41 1.83 -14.71
C CYS A 369 -5.19 2.57 -14.24
N PRO A 370 -4.87 3.73 -14.79
CA PRO A 370 -3.86 4.62 -14.21
C PRO A 370 -4.48 5.36 -13.04
N GLN A 371 -4.28 4.87 -11.82
CA GLN A 371 -5.15 5.27 -10.72
C GLN A 371 -4.92 6.72 -10.33
N ALA A 372 -3.66 7.15 -10.17
CA ALA A 372 -3.41 8.52 -9.76
C ALA A 372 -4.05 9.51 -10.72
N ALA A 373 -3.99 9.22 -12.02
CA ALA A 373 -4.53 10.14 -13.01
C ALA A 373 -6.05 10.12 -13.02
N VAL A 374 -6.64 8.94 -12.84
CA VAL A 374 -8.10 8.86 -12.72
C VAL A 374 -8.58 9.67 -11.51
N LEU A 375 -7.93 9.50 -10.36
CA LEU A 375 -8.41 10.19 -9.16
C LEU A 375 -8.32 11.69 -9.31
N LYS A 376 -7.36 12.18 -10.08
CA LYS A 376 -7.18 13.61 -10.30
C LYS A 376 -8.06 14.13 -11.43
N HIS A 377 -8.76 13.25 -12.14
CA HIS A 377 -9.63 13.68 -13.23
C HIS A 377 -10.83 14.44 -12.69
N ALA A 378 -11.14 15.56 -13.34
CA ALA A 378 -12.18 16.44 -12.85
C ALA A 378 -13.57 15.80 -12.86
N ALA A 379 -13.76 14.76 -13.66
CA ALA A 379 -15.05 14.08 -13.71
C ALA A 379 -15.32 13.25 -12.46
N VAL A 380 -14.28 12.85 -11.75
CA VAL A 380 -14.47 11.97 -10.60
C VAL A 380 -14.89 12.78 -9.39
N GLY A 381 -15.93 12.31 -8.68
CA GLY A 381 -16.38 12.96 -7.48
C GLY A 381 -16.33 12.10 -6.23
N LEU A 382 -16.02 10.81 -6.38
CA LEU A 382 -15.99 9.95 -5.20
C LEU A 382 -15.14 8.73 -5.51
N PHE A 383 -14.38 8.26 -4.51
CA PHE A 383 -13.61 7.02 -4.58
C PHE A 383 -14.16 5.98 -3.62
N VAL A 384 -14.68 4.89 -4.16
CA VAL A 384 -15.07 3.73 -3.37
C VAL A 384 -13.86 2.81 -3.31
N SER A 385 -13.31 2.62 -2.11
CA SER A 385 -11.98 2.05 -1.99
C SER A 385 -11.90 0.99 -0.90
N HIS A 386 -11.00 0.02 -1.12
CA HIS A 386 -10.69 -0.95 -0.08
C HIS A 386 -9.78 -0.38 1.01
N CYS A 387 -9.30 0.84 0.88
CA CYS A 387 -8.50 1.53 1.88
C CYS A 387 -7.05 1.04 1.92
N GLY A 388 -6.54 0.43 0.84
CA GLY A 388 -5.10 0.23 0.75
C GLY A 388 -4.39 1.55 0.79
N TRP A 389 -3.18 1.55 1.35
CA TRP A 389 -2.60 2.83 1.72
C TRP A 389 -2.21 3.65 0.49
N ASN A 390 -1.54 3.05 -0.49
CA ASN A 390 -1.16 3.80 -1.69
C ASN A 390 -2.39 4.40 -2.36
N SER A 391 -3.49 3.66 -2.39
CA SER A 391 -4.74 4.17 -2.94
C SER A 391 -5.24 5.36 -2.13
N LEU A 392 -5.18 5.28 -0.80
CA LEU A 392 -5.56 6.43 0.02
C LEU A 392 -4.62 7.62 -0.19
N LEU A 393 -3.32 7.35 -0.38
CA LEU A 393 -2.40 8.46 -0.64
C LEU A 393 -2.74 9.15 -1.95
N GLU A 394 -3.16 8.38 -2.94
CA GLU A 394 -3.51 8.90 -4.25
C GLU A 394 -4.81 9.68 -4.15
N ALA A 395 -5.74 9.19 -3.32
CA ALA A 395 -6.99 9.94 -3.12
C ALA A 395 -6.72 11.23 -2.38
N THR A 396 -5.83 11.18 -1.39
CA THR A 396 -5.53 12.36 -0.58
C THR A 396 -4.92 13.46 -1.44
N ALA A 397 -3.94 13.10 -2.28
CA ALA A 397 -3.30 14.06 -3.18
C ALA A 397 -4.30 14.63 -4.17
N ALA A 398 -5.29 13.85 -4.57
CA ALA A 398 -6.27 14.26 -5.56
C ALA A 398 -7.45 15.03 -4.97
N GLY A 399 -7.64 15.01 -3.67
CA GLY A 399 -8.77 15.67 -3.04
C GLY A 399 -10.08 14.91 -3.16
N GLN A 400 -10.02 13.58 -3.31
CA GLN A 400 -11.25 12.80 -3.47
C GLN A 400 -11.72 12.24 -2.15
N PRO A 401 -12.97 12.45 -1.78
CA PRO A 401 -13.51 11.82 -0.58
C PRO A 401 -13.67 10.32 -0.85
N VAL A 402 -13.68 9.55 0.25
CA VAL A 402 -13.62 8.10 0.17
C VAL A 402 -14.83 7.45 0.82
N LEU A 403 -15.41 6.49 0.12
CA LEU A 403 -16.40 5.55 0.67
C LEU A 403 -15.69 4.21 0.81
N ALA A 404 -15.47 3.81 2.06
CA ALA A 404 -14.54 2.75 2.41
C ALA A 404 -15.22 1.40 2.57
N TRP A 405 -14.57 0.37 2.04
CA TRP A 405 -14.95 -1.02 2.27
C TRP A 405 -13.67 -1.80 2.55
N PRO A 406 -13.14 -1.72 3.77
CA PRO A 406 -11.85 -2.36 4.08
C PRO A 406 -11.96 -3.87 3.98
N CYS A 407 -10.88 -4.50 3.53
CA CYS A 407 -10.86 -5.94 3.26
C CYS A 407 -9.94 -6.71 4.21
N HIS A 408 -8.68 -6.35 4.28
CA HIS A 408 -7.76 -7.13 5.11
C HIS A 408 -6.57 -6.27 5.52
N GLY A 409 -5.71 -6.84 6.36
CA GLY A 409 -4.58 -6.07 6.80
C GLY A 409 -4.99 -4.82 7.56
N GLU A 410 -4.21 -3.75 7.35
CA GLU A 410 -4.41 -2.46 7.99
C GLU A 410 -5.49 -1.61 7.33
N GLN A 411 -6.20 -2.17 6.35
CA GLN A 411 -7.32 -1.45 5.74
C GLN A 411 -8.38 -1.10 6.77
N THR A 412 -8.60 -1.99 7.75
CA THR A 412 -9.54 -1.68 8.80
C THR A 412 -9.05 -0.50 9.64
N THR A 413 -7.73 -0.46 9.95
CA THR A 413 -7.19 0.65 10.74
C THR A 413 -7.36 1.96 9.98
N ASN A 414 -7.08 1.92 8.70
CA ASN A 414 -7.14 3.12 7.87
C ASN A 414 -8.55 3.63 7.78
N CYS A 415 -9.51 2.70 7.65
CA CYS A 415 -10.93 3.09 7.62
C CYS A 415 -11.36 3.74 8.94
N ARG A 416 -10.89 3.23 10.08
CA ARG A 416 -11.21 3.83 11.35
C ARG A 416 -10.73 5.27 11.40
N GLN A 417 -9.53 5.54 10.90
CA GLN A 417 -9.03 6.91 10.92
C GLN A 417 -9.74 7.78 9.89
N LEU A 418 -10.00 7.25 8.70
CA LEU A 418 -10.72 7.98 7.67
C LEU A 418 -12.04 8.51 8.22
N CYS A 419 -12.74 7.64 8.98
CA CYS A 419 -14.04 8.02 9.53
C CYS A 419 -13.94 8.92 10.76
N GLU A 420 -13.06 8.60 11.70
CA GLU A 420 -13.11 9.22 13.01
C GLU A 420 -12.10 10.36 13.22
N VAL A 421 -11.07 10.45 12.40
CA VAL A 421 -9.96 11.38 12.67
C VAL A 421 -9.71 12.28 11.47
N TRP A 422 -9.38 11.66 10.34
CA TRP A 422 -9.01 12.42 9.15
C TRP A 422 -10.22 13.16 8.58
N GLY A 423 -11.37 12.49 8.57
CA GLY A 423 -12.60 13.16 8.26
C GLY A 423 -12.97 13.22 6.81
N ASN A 424 -12.20 12.58 5.93
CA ASN A 424 -12.40 12.64 4.49
C ASN A 424 -13.10 11.41 3.93
N GLY A 425 -13.67 10.57 4.78
CA GLY A 425 -14.36 9.38 4.30
C GLY A 425 -15.49 8.92 5.20
N ALA A 426 -16.24 7.98 4.67
CA ALA A 426 -17.33 7.28 5.33
C ALA A 426 -17.23 5.81 4.96
N GLN A 427 -17.92 4.97 5.72
CA GLN A 427 -17.74 3.53 5.58
C GLN A 427 -19.03 2.86 5.10
N LEU A 428 -18.87 1.89 4.20
CA LEU A 428 -19.94 0.96 3.83
C LEU A 428 -20.05 -0.18 4.84
N PRO A 429 -21.21 -0.84 4.94
CA PRO A 429 -21.26 -2.10 5.71
C PRO A 429 -20.37 -3.19 5.09
N ARG A 430 -19.75 -4.05 5.95
CA ARG A 430 -18.92 -5.10 5.34
C ARG A 430 -19.76 -6.08 4.54
N GLU A 431 -20.99 -6.35 5.00
CA GLU A 431 -21.93 -7.14 4.22
C GLU A 431 -22.56 -6.24 3.16
N VAL A 432 -22.18 -6.47 1.91
CA VAL A 432 -22.59 -5.62 0.81
C VAL A 432 -24.05 -5.92 0.49
N GLU A 433 -24.85 -4.87 0.33
CA GLU A 433 -26.24 -4.98 -0.08
C GLU A 433 -26.53 -3.84 -1.03
N SER A 434 -27.12 -4.15 -2.19
CA SER A 434 -27.24 -3.15 -3.25
C SER A 434 -27.94 -1.87 -2.79
N GLY A 435 -29.00 -2.00 -1.99
CA GLY A 435 -29.76 -0.83 -1.61
C GLY A 435 -28.99 0.13 -0.72
N ALA A 436 -28.22 -0.43 0.23
CA ALA A 436 -27.41 0.41 1.11
C ALA A 436 -26.24 1.00 0.37
N VAL A 437 -25.67 0.25 -0.56
CA VAL A 437 -24.62 0.78 -1.41
C VAL A 437 -25.12 1.99 -2.20
N ALA A 438 -26.27 1.83 -2.86
CA ALA A 438 -26.82 2.95 -3.62
C ALA A 438 -27.12 4.15 -2.74
N ARG A 439 -27.69 3.91 -1.55
CA ARG A 439 -28.06 4.99 -0.66
C ARG A 439 -26.82 5.74 -0.17
N LEU A 440 -25.77 5.01 0.22
CA LEU A 440 -24.59 5.70 0.75
C LEU A 440 -23.84 6.43 -0.36
N VAL A 441 -23.74 5.84 -1.54
CA VAL A 441 -23.14 6.55 -2.64
C VAL A 441 -23.90 7.85 -2.89
N ARG A 442 -25.23 7.78 -2.90
CA ARG A 442 -26.02 8.99 -3.14
C ARG A 442 -25.73 10.06 -2.09
N GLU A 443 -25.71 9.65 -0.81
CA GLU A 443 -25.38 10.59 0.25
C GLU A 443 -24.01 11.20 0.02
N MET A 444 -23.03 10.39 -0.42
CA MET A 444 -21.69 10.94 -0.66
C MET A 444 -21.65 11.82 -1.89
N MET A 445 -22.56 11.62 -2.84
CA MET A 445 -22.49 12.42 -4.05
C MET A 445 -23.27 13.75 -3.89
N VAL A 446 -24.43 13.75 -3.21
CA VAL A 446 -25.29 14.93 -3.11
C VAL A 446 -25.76 15.23 -1.70
N GLY A 447 -25.45 14.44 -0.72
CA GLY A 447 -25.92 14.66 0.62
C GLY A 447 -24.97 15.50 1.46
N ASP A 448 -25.44 15.85 2.65
CA ASP A 448 -24.61 16.59 3.58
C ASP A 448 -23.38 15.78 3.99
N LEU A 449 -23.52 14.46 4.04
CA LEU A 449 -22.39 13.60 4.31
C LEU A 449 -21.26 13.83 3.33
N GLY A 450 -21.57 13.73 2.02
CA GLY A 450 -20.56 13.93 1.01
C GLY A 450 -20.01 15.34 1.02
N LYS A 451 -20.85 16.34 1.33
CA LYS A 451 -20.34 17.70 1.34
C LYS A 451 -19.28 17.85 2.43
N GLU A 452 -19.53 17.26 3.59
CA GLU A 452 -18.57 17.33 4.69
C GLU A 452 -17.27 16.62 4.33
N LYS A 453 -17.40 15.40 3.85
CA LYS A 453 -16.18 14.61 3.57
C LYS A 453 -15.37 15.22 2.42
N ARG A 454 -16.07 15.75 1.41
CA ARG A 454 -15.41 16.37 0.27
C ARG A 454 -14.72 17.66 0.68
N ALA A 455 -15.31 18.40 1.62
CA ALA A 455 -14.67 19.61 2.10
C ALA A 455 -13.40 19.27 2.84
N LYS A 456 -13.45 18.23 3.69
CA LYS A 456 -12.24 17.82 4.40
C LYS A 456 -11.19 17.27 3.42
N ALA A 457 -11.63 16.51 2.42
CA ALA A 457 -10.70 16.06 1.38
C ALA A 457 -10.00 17.24 0.73
N ALA A 458 -10.71 18.35 0.51
CA ALA A 458 -10.04 19.51 -0.08
C ALA A 458 -8.96 20.06 0.85
N GLU A 459 -9.23 20.09 2.15
CA GLU A 459 -8.25 20.59 3.10
C GLU A 459 -6.99 19.71 3.08
N TRP A 460 -7.18 18.38 3.06
CA TRP A 460 -6.01 17.49 3.07
C TRP A 460 -5.25 17.57 1.76
N LYS A 461 -5.94 17.83 0.64
CA LYS A 461 -5.26 18.03 -0.64
C LYS A 461 -4.32 19.21 -0.55
N ALA A 462 -4.80 20.31 0.03
CA ALA A 462 -3.96 21.49 0.18
C ALA A 462 -2.79 21.21 1.11
N ALA A 463 -3.06 20.54 2.22
CA ALA A 463 -2.00 20.18 3.15
C ALA A 463 -0.97 19.28 2.48
N ALA A 464 -1.41 18.29 1.69
CA ALA A 464 -0.47 17.42 1.00
C ALA A 464 0.39 18.21 0.02
N GLU A 465 -0.24 19.13 -0.73
CA GLU A 465 0.51 19.94 -1.68
C GLU A 465 1.55 20.80 -0.98
N ALA A 466 1.20 21.37 0.16
CA ALA A 466 2.16 22.19 0.89
C ALA A 466 3.30 21.35 1.44
N ALA A 467 2.99 20.14 1.92
CA ALA A 467 4.03 19.27 2.45
C ALA A 467 4.99 18.80 1.36
N ALA A 468 4.50 18.63 0.13
CA ALA A 468 5.27 18.02 -0.94
C ALA A 468 6.06 19.03 -1.77
N ARG A 469 5.64 20.29 -1.77
CA ARG A 469 6.37 21.30 -2.53
C ARG A 469 7.66 21.65 -1.81
N LYS A 470 8.61 22.19 -2.57
CA LYS A 470 9.89 22.59 -2.01
C LYS A 470 9.68 23.38 -0.72
N GLY A 471 10.39 22.97 0.33
CA GLY A 471 10.29 23.58 1.62
C GLY A 471 9.27 22.96 2.55
N GLY A 472 8.34 22.17 2.01
CA GLY A 472 7.32 21.58 2.85
C GLY A 472 7.86 20.46 3.73
N ALA A 473 7.02 20.05 4.69
CA ALA A 473 7.47 19.10 5.70
C ALA A 473 7.89 17.75 5.10
N SER A 474 7.16 17.24 4.13
CA SER A 474 7.55 15.97 3.54
C SER A 474 8.76 16.15 2.63
N TRP A 475 8.75 17.22 1.82
CA TRP A 475 9.91 17.55 1.00
C TRP A 475 11.18 17.61 1.85
N ARG A 476 11.10 18.27 3.01
CA ARG A 476 12.28 18.40 3.88
C ARG A 476 12.74 17.03 4.40
N ASN A 477 11.80 16.12 4.69
CA ASN A 477 12.19 14.79 5.15
C ASN A 477 12.80 13.97 4.03
N VAL A 478 12.31 14.12 2.81
CA VAL A 478 12.91 13.42 1.68
C VAL A 478 14.34 13.92 1.46
N GLU A 479 14.54 15.23 1.53
CA GLU A 479 15.90 15.76 1.36
C GLU A 479 16.86 15.19 2.42
N ARG A 480 16.44 15.17 3.69
CA ARG A 480 17.29 14.63 4.75
C ARG A 480 17.57 13.15 4.52
N VAL A 481 16.54 12.37 4.17
CA VAL A 481 16.73 10.94 3.91
C VAL A 481 17.68 10.74 2.74
N VAL A 482 17.41 11.39 1.62
CA VAL A 482 18.20 11.15 0.42
C VAL A 482 19.64 11.56 0.66
N ASN A 483 19.84 12.72 1.27
CA ASN A 483 21.21 13.21 1.44
C ASN A 483 21.91 12.53 2.59
N ASP A 484 21.40 12.72 3.81
CA ASP A 484 22.18 12.39 4.99
C ASP A 484 22.23 10.89 5.29
N LEU A 485 21.24 10.13 4.84
CA LEU A 485 21.23 8.70 5.12
C LEU A 485 21.67 7.86 3.92
N LEU A 486 21.36 8.28 2.69
CA LEU A 486 21.49 7.38 1.56
C LEU A 486 22.56 7.75 0.55
N LEU A 487 22.80 9.04 0.33
CA LEU A 487 23.88 9.43 -0.56
C LEU A 487 25.19 9.69 0.17
N VAL A 488 25.26 9.45 1.49
CA VAL A 488 26.50 9.75 2.23
C VAL A 488 27.65 8.94 1.67
N GLY A 489 27.43 7.66 1.40
CA GLY A 489 28.46 6.84 0.76
C GLY A 489 29.70 6.65 1.59
N GLY A 490 29.56 6.55 2.90
CA GLY A 490 30.71 6.35 3.78
C GLY A 490 31.42 5.04 3.51
N1 UDP B . -3.08 0.46 -8.86
C2 UDP B . -2.94 0.70 -10.21
N3 UDP B . -4.11 0.56 -10.94
C4 UDP B . -5.34 0.16 -10.45
C5 UDP B . -5.38 -0.06 -9.04
C6 UDP B . -4.27 0.09 -8.30
O2 UDP B . -1.89 1.02 -10.72
O4 UDP B . -6.30 0.06 -11.23
C1' UDP B . -1.89 0.62 -8.03
C2' UDP B . -1.99 1.80 -7.07
O2' UDP B . -1.56 3.00 -7.71
C3' UDP B . -1.02 1.34 -5.97
C4' UDP B . -1.29 -0.16 -5.92
O4' UDP B . -1.80 -0.52 -7.21
O3' UDP B . 0.33 1.63 -6.30
C5' UDP B . -2.31 -0.58 -4.88
O5' UDP B . -1.67 -0.36 -3.60
PA UDP B . -2.49 -0.14 -2.27
O1A UDP B . -1.50 0.12 -1.21
O2A UDP B . -3.62 0.85 -2.46
O3A UDP B . -3.24 -1.53 -2.04
PB UDP B . -2.87 -3.07 -2.10
O1B UDP B . -1.53 -3.35 -1.35
O2B UDP B . -2.81 -3.37 -3.56
O3B UDP B . -4.10 -3.69 -1.42
HN3 UDP B . -4.05 0.68 -11.78
H5 UDP B . -6.18 -0.31 -8.64
H6 UDP B . -4.31 -0.07 -7.38
H1' UDP B . -1.11 0.72 -8.58
H2' UDP B . -2.89 1.90 -6.72
HO2' UDP B . -2.22 3.52 -7.81
H3' UDP B . -1.26 1.76 -5.12
H4' UDP B . -0.44 -0.62 -5.77
HO3' UDP B . 0.50 2.45 -6.14
H5'1 UDP B . -2.54 -1.51 -4.98
H5'2 UDP B . -3.11 -0.03 -4.95
C1 EDO C . 0.20 -1.02 0.72
O1 EDO C . -0.36 -2.34 0.86
C2 EDO C . 1.62 -1.05 1.30
O2 EDO C . 1.64 -1.78 2.52
H11 EDO C . -0.41 -0.30 1.27
H12 EDO C . 0.23 -0.72 -0.33
HO1 EDO C . -1.31 -2.30 0.71
H21 EDO C . 1.97 -0.03 1.48
H22 EDO C . 2.29 -1.52 0.57
HO2 EDO C . 2.55 -1.78 2.87
C1 EDO D . 4.05 -9.73 -8.33
O1 EDO D . 4.05 -10.89 -9.18
C2 EDO D . 2.69 -9.08 -8.46
O2 EDO D . 1.69 -10.12 -8.31
H11 EDO D . 4.83 -9.04 -8.63
H12 EDO D . 4.24 -10.02 -7.29
HO1 EDO D . 4.92 -11.31 -9.15
H21 EDO D . 2.58 -8.59 -9.43
H22 EDO D . 2.54 -8.32 -7.69
HO2 EDO D . 0.81 -9.75 -8.44
C1 EDO E . -8.45 -10.74 0.94
O1 EDO E . -8.92 -11.45 -0.20
C2 EDO E . -9.39 -9.61 1.38
O2 EDO E . -10.79 -9.84 1.07
H11 EDO E . -7.47 -10.31 0.72
H12 EDO E . -8.33 -11.43 1.77
HO1 EDO E . -8.26 -12.13 -0.44
H21 EDO E . -9.08 -8.70 0.87
H22 EDO E . -9.29 -9.46 2.45
HO2 EDO E . -11.32 -9.09 1.37
C1 EDO F . -14.41 17.02 -17.95
O1 EDO F . -14.87 15.90 -17.20
C2 EDO F . -14.53 18.24 -17.05
O2 EDO F . -14.20 19.42 -17.79
H11 EDO F . -15.02 17.15 -18.85
H12 EDO F . -13.38 16.88 -18.26
HO1 EDO F . -14.77 15.09 -17.73
H21 EDO F . -13.85 18.14 -16.19
H22 EDO F . -15.54 18.32 -16.65
HO2 EDO F . -14.22 20.19 -17.20
C1 EDO G . 22.95 -13.46 9.01
O1 EDO G . 22.36 -12.96 7.82
C2 EDO G . 21.90 -13.53 10.12
O2 EDO G . 22.57 -13.31 11.36
H11 EDO G . 23.76 -12.79 9.32
H12 EDO G . 23.37 -14.44 8.83
HO1 EDO G . 23.04 -12.90 7.14
H21 EDO G . 21.42 -14.51 10.11
H22 EDO G . 21.13 -12.78 9.96
HO2 EDO G . 21.92 -13.18 12.06
C1 EDO H . -4.68 13.76 13.88
O1 EDO H . -3.58 12.90 14.18
C2 EDO H . -4.36 14.55 12.60
O2 EDO H . -5.40 14.28 11.66
H11 EDO H . -4.86 14.45 14.70
H12 EDO H . -5.58 13.17 13.73
HO1 EDO H . -3.78 12.38 14.97
H21 EDO H . -3.39 14.25 12.20
H22 EDO H . -4.32 15.62 12.82
HO2 EDO H . -5.28 14.83 10.88
N2 DHR I . -2.31 -7.30 3.38
C2 DHR I . -1.22 -7.19 3.06
C3 DHR I . 1.11 -7.40 3.87
C4 DHR I . 2.23 -8.15 3.65
C8 DHR I . 0.76 -7.02 5.16
C7 DHR I . 1.53 -7.39 6.23
C5 DHR I . 3.00 -8.51 4.71
C6 DHR I . 2.68 -8.13 6.01
O6 DHR I . 3.47 -8.51 7.07
C1 DHR I . 0.25 -7.00 2.67
O1 DHR I . 0.45 -5.66 2.26
H4 DHR I . 2.47 -8.40 2.79
H8 DHR I . -0.02 -6.53 5.29
H7 DHR I . 1.29 -7.12 7.09
H5 DHR I . 3.76 -9.03 4.57
H6 DHR I . 3.13 -9.18 7.47
H1 DHR I . 0.52 -7.56 1.92
HO1 DHR I . 0.07 -5.14 2.82
C1 EDO J . 3.35 -6.40 10.03
O1 EDO J . 2.84 -7.55 9.44
C2 EDO J . 3.22 -5.23 9.05
O2 EDO J . 4.08 -5.42 7.94
H11 EDO J . 4.40 -6.55 10.30
H12 EDO J . 2.80 -6.19 10.95
HO1 EDO J . 2.92 -8.29 10.05
H21 EDO J . 2.19 -5.15 8.71
H22 EDO J . 3.48 -4.30 9.55
HO2 EDO J . 3.97 -4.70 7.32
C1 EDO K . -3.28 -5.71 0.37
O1 EDO K . -4.67 -5.70 0.59
C2 EDO K . -2.63 -4.56 1.12
O2 EDO K . -1.25 -4.59 0.91
H11 EDO K . -3.07 -5.62 -0.71
H12 EDO K . -2.85 -6.67 0.69
HO1 EDO K . -5.11 -6.23 -0.10
H21 EDO K . -2.85 -4.64 2.19
H22 EDO K . -3.04 -3.61 0.78
HO2 EDO K . -0.99 -3.86 0.33
C1 EDO L . 22.38 -0.51 10.91
O1 EDO L . 22.99 -1.46 10.04
C2 EDO L . 20.96 -0.97 11.25
O2 EDO L . 20.87 -1.48 12.58
H11 EDO L . 22.34 0.47 10.41
H12 EDO L . 22.97 -0.39 11.82
HO1 EDO L . 23.91 -1.23 9.89
H21 EDO L . 20.67 -1.76 10.56
H22 EDO L . 20.27 -0.14 11.15
HO2 EDO L . 20.00 -1.89 12.71
#